data_4QMV
#
_entry.id   4QMV
#
_cell.length_a   100.080
_cell.length_b   57.850
_cell.length_c   61.780
_cell.angle_alpha   90.00
_cell.angle_beta   93.98
_cell.angle_gamma   90.00
#
_symmetry.space_group_name_H-M   'C 1 2 1'
#
loop_
_entity.id
_entity.type
_entity.pdbx_description
1 polymer 'SERINE/THREONINE-PROTEIN KINASE 24'
2 non-polymer N-{2-[(1S,4R)-6-{[4-(cyclobutylamino)-5-(trifluoromethyl)pyrimidin-2-yl]amino}-1,2,3,4-tetrahydro-1,4-epiminonaphthalen-9-yl]-2-oxoethyl}acetamide
3 non-polymer 1,2-ETHANEDIOL
4 water water
#
_entity_poly.entity_id   1
_entity_poly.type   'polypeptide(L)'
_entity_poly.pdbx_seq_one_letter_code
;GPLGSEFMAHSPVQSGLPGMQNLKADPEELFTKLEKIGKGSFGEVFKGIDNRTQKVVAIKIIDLEEAEDEIEDIQQEITV
LSQCDSPYVTKYYGSYLKDTKLWIIMEYLGGGSALDLLEPGPLDETQIATILREILKGLDYLHSEKKIHRDIKAANVLLS
EHGEVKLADFGVAGQLTDTQIKRN(TPO)FVGTPFWMAPEVIKQSAYDSKADIWSLGITAIELARGEPPHSELHPMKVLF
LIPKNNPPTLEGNYSKPLKEFVEACLNKEPSFRPTAKELLKHKFILRNAKKTSYLTELIDRYKRWKAEQSHDDS
;
_entity_poly.pdbx_strand_id   A
#
loop_
_chem_comp.id
_chem_comp.type
_chem_comp.name
_chem_comp.formula
34W non-polymer N-{2-[(1S,4R)-6-{[4-(cyclobutylamino)-5-(trifluoromethyl)pyrimidin-2-yl]amino}-1,2,3,4-tetrahydro-1,4-epiminonaphthalen-9-yl]-2-oxoethyl}acetamide 'C23 H25 F3 N6 O2'
EDO non-polymer 1,2-ETHANEDIOL 'C2 H6 O2'
#
# COMPACT_ATOMS: atom_id res chain seq x y z
N LEU A 17 14.20 3.58 18.33
CA LEU A 17 13.64 2.69 17.33
C LEU A 17 12.84 1.55 17.95
N PRO A 18 11.50 1.58 17.78
CA PRO A 18 10.64 0.50 18.28
C PRO A 18 10.99 -0.88 17.71
N GLY A 19 11.06 -1.88 18.58
CA GLY A 19 11.36 -3.23 18.15
C GLY A 19 12.84 -3.46 17.93
N MET A 20 13.67 -2.45 18.19
CA MET A 20 15.11 -2.63 18.08
C MET A 20 15.54 -3.78 18.96
N GLN A 21 16.30 -4.71 18.40
CA GLN A 21 16.69 -5.91 19.13
C GLN A 21 17.98 -5.66 19.87
N ASN A 22 18.35 -6.61 20.72
CA ASN A 22 19.67 -6.63 21.34
C ASN A 22 20.73 -6.60 20.26
N LEU A 23 21.62 -5.63 20.33
CA LEU A 23 22.57 -5.39 19.25
C LEU A 23 23.60 -6.51 19.17
N LYS A 24 23.65 -7.36 20.18
CA LYS A 24 24.45 -8.59 20.12
C LYS A 24 23.77 -9.69 19.30
N ALA A 25 22.46 -9.59 19.10
CA ALA A 25 21.79 -10.50 18.17
C ALA A 25 22.33 -10.25 16.78
N ASP A 26 22.80 -11.30 16.13
CA ASP A 26 23.29 -11.25 14.76
C ASP A 26 22.25 -11.85 13.80
N PRO A 27 21.57 -10.99 13.03
CA PRO A 27 20.44 -11.40 12.18
C PRO A 27 20.87 -12.35 11.05
N GLU A 28 22.15 -12.35 10.69
CA GLU A 28 22.64 -13.30 9.71
C GLU A 28 22.63 -14.72 10.26
N GLU A 29 22.61 -14.83 11.58
CA GLU A 29 22.50 -16.12 12.26
C GLU A 29 21.05 -16.50 12.46
N LEU A 30 20.25 -15.54 12.96
CA LEU A 30 18.83 -15.75 13.23
C LEU A 30 17.94 -15.89 11.97
N PHE A 31 18.44 -15.45 10.82
CA PHE A 31 17.66 -15.44 9.58
C PHE A 31 18.45 -15.87 8.37
N THR A 32 17.83 -16.72 7.55
CA THR A 32 18.39 -17.12 6.27
C THR A 32 17.89 -16.17 5.20
N LYS A 33 18.76 -15.27 4.72
CA LYS A 33 18.38 -14.31 3.68
C LYS A 33 18.34 -15.00 2.32
N LEU A 34 17.18 -15.05 1.70
CA LEU A 34 17.04 -15.65 0.38
C LEU A 34 17.00 -14.59 -0.70
N GLU A 35 16.28 -14.87 -1.78
CA GLU A 35 16.26 -14.01 -2.95
C GLU A 35 15.61 -12.66 -2.70
N LYS A 36 16.02 -11.67 -3.47
CA LYS A 36 15.38 -10.36 -3.43
C LYS A 36 14.02 -10.49 -4.05
N ILE A 37 13.02 -9.90 -3.40
CA ILE A 37 11.65 -9.95 -3.87
C ILE A 37 11.19 -8.54 -4.24
N GLY A 38 12.00 -7.55 -3.92
CA GLY A 38 11.64 -6.19 -4.26
C GLY A 38 12.55 -5.12 -3.67
N LYS A 39 12.44 -3.92 -4.23
CA LYS A 39 13.07 -2.74 -3.68
C LYS A 39 12.00 -2.01 -2.91
N GLY A 40 12.33 -1.56 -1.71
CA GLY A 40 11.31 -1.05 -0.81
C GLY A 40 11.36 0.44 -0.62
N SER A 41 10.74 0.88 0.48
CA SER A 41 10.67 2.28 0.87
C SER A 41 12.07 2.89 0.94
N PHE A 42 12.98 2.16 1.59
CA PHE A 42 14.40 2.48 1.62
C PHE A 42 15.09 1.13 1.54
N GLY A 43 16.22 1.06 0.87
CA GLY A 43 16.92 -0.21 0.70
C GLY A 43 16.12 -1.30 0.00
N GLU A 44 16.61 -2.53 0.08
CA GLU A 44 16.00 -3.63 -0.65
C GLU A 44 15.21 -4.57 0.27
N VAL A 45 14.33 -5.38 -0.32
CA VAL A 45 13.53 -6.33 0.43
C VAL A 45 13.80 -7.75 -0.03
N PHE A 46 14.00 -8.65 0.92
CA PHE A 46 14.26 -10.06 0.59
C PHE A 46 13.26 -11.01 1.25
N LYS A 47 13.09 -12.16 0.61
CA LYS A 47 12.50 -13.32 1.23
C LYS A 47 13.52 -13.89 2.20
N GLY A 48 13.06 -14.38 3.33
CA GLY A 48 13.96 -14.97 4.31
C GLY A 48 13.25 -16.01 5.16
N ILE A 49 14.05 -16.87 5.78
CA ILE A 49 13.51 -17.80 6.76
C ILE A 49 13.96 -17.40 8.17
N ASP A 50 13.01 -17.31 9.08
CA ASP A 50 13.28 -17.25 10.51
C ASP A 50 13.89 -18.59 10.93
N ASN A 51 15.14 -18.59 11.41
CA ASN A 51 15.83 -19.86 11.66
C ASN A 51 15.36 -20.56 12.92
N ARG A 52 14.58 -19.90 13.75
CA ARG A 52 14.03 -20.54 14.94
C ARG A 52 12.68 -21.23 14.70
N THR A 53 11.82 -20.58 13.91
CA THR A 53 10.45 -21.07 13.68
C THR A 53 10.31 -21.75 12.33
N GLN A 54 11.23 -21.41 11.41
CA GLN A 54 11.19 -21.83 10.01
C GLN A 54 10.00 -21.20 9.27
N LYS A 55 9.36 -20.22 9.89
CA LYS A 55 8.44 -19.36 9.15
C LYS A 55 9.21 -18.48 8.17
N VAL A 56 8.58 -18.25 7.04
CA VAL A 56 9.11 -17.33 6.05
C VAL A 56 8.74 -15.89 6.46
N VAL A 57 9.68 -14.97 6.26
CA VAL A 57 9.46 -13.55 6.54
C VAL A 57 9.94 -12.71 5.37
N ALA A 58 9.68 -11.41 5.46
CA ALA A 58 10.26 -10.47 4.52
C ALA A 58 11.32 -9.62 5.23
N ILE A 59 12.47 -9.48 4.61
CA ILE A 59 13.54 -8.73 5.25
C ILE A 59 13.87 -7.46 4.47
N LYS A 60 13.67 -6.31 5.09
CA LYS A 60 14.07 -5.06 4.47
C LYS A 60 15.45 -4.70 5.00
N ILE A 61 16.40 -4.51 4.09
CA ILE A 61 17.74 -4.12 4.51
C ILE A 61 18.09 -2.71 4.05
N ILE A 62 18.51 -1.90 5.02
CA ILE A 62 18.90 -0.52 4.81
C ILE A 62 20.33 -0.27 5.28
N ASP A 63 21.16 0.32 4.42
CA ASP A 63 22.49 0.73 4.84
C ASP A 63 22.43 2.13 5.45
N LEU A 64 22.78 2.21 6.73
CA LEU A 64 22.73 3.47 7.45
C LEU A 64 23.87 4.43 7.08
N GLU A 65 25.02 3.88 6.69
CA GLU A 65 26.12 4.69 6.16
C GLU A 65 25.73 5.33 4.83
N GLU A 66 24.98 4.57 4.03
CA GLU A 66 24.52 5.00 2.72
C GLU A 66 23.31 5.93 2.82
N ALA A 67 22.89 6.19 4.06
CA ALA A 67 21.95 7.25 4.37
C ALA A 67 22.79 8.56 4.37
N GLU A 68 22.24 9.79 4.45
CA GLU A 68 21.03 10.11 5.21
C GLU A 68 20.25 11.39 4.94
N ASP A 69 18.94 11.21 4.76
CA ASP A 69 17.90 12.14 5.20
C ASP A 69 16.70 11.22 5.41
N GLU A 70 16.98 9.93 5.27
CA GLU A 70 15.97 8.87 5.33
C GLU A 70 15.71 8.33 6.74
N ILE A 71 16.72 8.36 7.61
CA ILE A 71 16.63 7.71 8.92
C ILE A 71 15.48 8.24 9.79
N GLU A 72 15.18 9.54 9.73
CA GLU A 72 13.95 10.03 10.37
C GLU A 72 12.75 9.32 9.77
N ASP A 73 12.77 9.15 8.45
CA ASP A 73 11.66 8.50 7.76
C ASP A 73 11.65 7.00 8.09
N ILE A 74 12.82 6.41 8.23
CA ILE A 74 12.90 5.02 8.66
C ILE A 74 12.40 4.85 10.11
N GLN A 75 12.82 5.72 11.02
CA GLN A 75 12.25 5.77 12.37
C GLN A 75 10.74 5.89 12.31
N GLN A 76 10.27 6.88 11.54
CA GLN A 76 8.85 7.15 11.44
C GLN A 76 8.10 5.94 10.90
N GLU A 77 8.62 5.31 9.86
CA GLU A 77 7.96 4.13 9.28
C GLU A 77 7.78 3.02 10.32
N ILE A 78 8.89 2.63 10.93
CA ILE A 78 8.90 1.58 11.94
C ILE A 78 8.02 1.95 13.14
N THR A 79 8.02 3.23 13.53
CA THR A 79 7.16 3.67 14.62
C THR A 79 5.70 3.40 14.28
N VAL A 80 5.33 3.77 13.05
CA VAL A 80 3.96 3.65 12.57
C VAL A 80 3.55 2.18 12.49
N LEU A 81 4.42 1.36 11.90
CA LEU A 81 4.18 -0.07 11.80
C LEU A 81 3.99 -0.71 13.16
N SER A 82 4.88 -0.39 14.09
CA SER A 82 4.79 -0.97 15.42
C SER A 82 3.50 -0.57 16.14
N GLN A 83 2.91 0.56 15.74
CA GLN A 83 1.65 1.02 16.35
C GLN A 83 0.40 0.47 15.68
N CYS A 84 0.55 -0.39 14.67
CA CYS A 84 -0.61 -0.96 13.98
C CYS A 84 -0.82 -2.42 14.33
N ASP A 85 -2.02 -2.75 14.82
CA ASP A 85 -2.36 -4.14 15.07
C ASP A 85 -3.63 -4.48 14.33
N SER A 86 -3.47 -4.86 13.06
CA SER A 86 -4.61 -5.11 12.20
C SER A 86 -4.29 -6.22 11.21
N PRO A 87 -5.29 -7.09 10.93
CA PRO A 87 -5.19 -8.10 9.87
C PRO A 87 -4.92 -7.46 8.51
N TYR A 88 -5.03 -6.13 8.45
CA TYR A 88 -5.00 -5.40 7.18
C TYR A 88 -3.72 -4.60 7.02
N VAL A 89 -2.85 -4.66 8.02
CA VAL A 89 -1.55 -4.02 7.93
C VAL A 89 -0.46 -5.09 8.11
N THR A 90 0.54 -5.07 7.22
CA THR A 90 1.72 -5.93 7.34
C THR A 90 2.28 -5.87 8.74
N LYS A 91 2.48 -7.03 9.36
CA LYS A 91 3.01 -7.11 10.73
C LYS A 91 4.49 -6.80 10.73
N TYR A 92 4.95 -6.15 11.80
CA TYR A 92 6.36 -5.83 11.96
C TYR A 92 6.93 -6.59 13.17
N TYR A 93 7.96 -7.40 12.95
CA TYR A 93 8.42 -8.30 14.00
C TYR A 93 9.62 -7.79 14.83
N GLY A 94 10.37 -6.80 14.34
CA GLY A 94 11.49 -6.26 15.09
C GLY A 94 12.60 -5.85 14.13
N SER A 95 13.64 -5.21 14.66
CA SER A 95 14.76 -4.73 13.86
C SER A 95 16.11 -5.12 14.43
N TYR A 96 17.08 -5.36 13.56
CA TYR A 96 18.38 -5.86 13.95
C TYR A 96 19.47 -5.05 13.29
N LEU A 97 20.52 -4.73 14.04
CA LEU A 97 21.69 -4.11 13.44
C LEU A 97 22.76 -5.14 13.16
N LYS A 98 23.30 -5.10 11.95
CA LYS A 98 24.42 -5.92 11.55
C LYS A 98 25.46 -5.02 10.87
N ASP A 99 26.42 -4.56 11.66
CA ASP A 99 27.44 -3.61 11.24
C ASP A 99 26.77 -2.30 10.83
N THR A 100 26.73 -1.96 9.55
CA THR A 100 26.05 -0.72 9.15
C THR A 100 24.61 -0.94 8.68
N LYS A 101 24.19 -2.20 8.56
CA LYS A 101 22.91 -2.53 7.95
C LYS A 101 21.79 -2.81 8.93
N LEU A 102 20.67 -2.13 8.76
CA LEU A 102 19.48 -2.35 9.56
C LEU A 102 18.59 -3.43 8.92
N TRP A 103 18.38 -4.54 9.62
CA TRP A 103 17.47 -5.57 9.11
C TRP A 103 16.09 -5.38 9.73
N ILE A 104 15.13 -5.01 8.91
CA ILE A 104 13.75 -4.85 9.35
C ILE A 104 12.96 -6.10 8.99
N ILE A 105 12.50 -6.83 10.00
CA ILE A 105 11.81 -8.10 9.77
C ILE A 105 10.31 -7.85 9.67
N MET A 106 9.73 -8.22 8.54
CA MET A 106 8.33 -8.01 8.25
C MET A 106 7.57 -9.31 8.02
N GLU A 107 6.26 -9.25 8.17
CA GLU A 107 5.37 -10.31 7.71
C GLU A 107 5.57 -10.59 6.22
N TYR A 108 5.73 -11.87 5.86
CA TYR A 108 5.88 -12.22 4.44
C TYR A 108 4.53 -12.49 3.83
N LEU A 109 4.22 -11.77 2.76
CA LEU A 109 2.98 -12.00 2.03
C LEU A 109 3.28 -12.66 0.67
N GLY A 110 2.97 -13.96 0.61
CA GLY A 110 3.41 -14.79 -0.50
C GLY A 110 2.72 -14.58 -1.84
N GLY A 111 1.63 -13.83 -1.89
CA GLY A 111 0.97 -13.59 -3.15
C GLY A 111 1.57 -12.44 -3.94
N GLY A 112 2.44 -11.67 -3.30
CA GLY A 112 2.97 -10.48 -3.93
C GLY A 112 1.96 -9.35 -3.89
N SER A 113 2.19 -8.30 -4.67
CA SER A 113 1.30 -7.15 -4.68
C SER A 113 0.20 -7.34 -5.70
N ALA A 114 -0.90 -6.63 -5.50
CA ALA A 114 -1.96 -6.61 -6.51
C ALA A 114 -1.39 -6.22 -7.88
N LEU A 115 -0.38 -5.35 -7.89
CA LEU A 115 0.25 -4.95 -9.15
C LEU A 115 0.93 -6.14 -9.84
N ASP A 116 1.59 -7.01 -9.07
CA ASP A 116 2.17 -8.24 -9.65
C ASP A 116 1.06 -9.11 -10.21
N LEU A 117 -0.03 -9.24 -9.47
CA LEU A 117 -1.08 -10.16 -9.85
C LEU A 117 -1.83 -9.68 -11.09
N LEU A 118 -1.58 -8.43 -11.47
CA LEU A 118 -2.12 -7.86 -12.70
C LEU A 118 -1.35 -8.26 -13.95
N GLU A 119 -0.04 -8.55 -13.81
CA GLU A 119 0.81 -8.87 -14.95
C GLU A 119 0.30 -10.01 -15.85
N PRO A 120 -0.33 -11.06 -15.29
CA PRO A 120 -0.84 -12.04 -16.26
C PRO A 120 -2.02 -11.52 -17.12
N GLY A 121 -2.80 -10.57 -16.62
CA GLY A 121 -3.94 -10.06 -17.35
C GLY A 121 -4.96 -9.37 -16.45
N PRO A 122 -6.06 -8.89 -17.02
CA PRO A 122 -7.05 -8.09 -16.28
C PRO A 122 -7.70 -8.84 -15.12
N LEU A 123 -8.16 -8.06 -14.14
CA LEU A 123 -8.98 -8.58 -13.07
C LEU A 123 -10.44 -8.57 -13.49
N ASP A 124 -11.25 -9.43 -12.91
CA ASP A 124 -12.68 -9.28 -13.10
C ASP A 124 -13.26 -8.37 -12.00
N GLU A 125 -14.53 -8.03 -12.09
CA GLU A 125 -15.07 -7.03 -11.18
C GLU A 125 -15.27 -7.60 -9.79
N THR A 126 -15.40 -8.92 -9.69
CA THR A 126 -15.48 -9.53 -8.38
C THR A 126 -14.13 -9.41 -7.67
N GLN A 127 -13.05 -9.70 -8.39
CA GLN A 127 -11.71 -9.60 -7.80
C GLN A 127 -11.39 -8.13 -7.42
N ILE A 128 -11.73 -7.19 -8.31
CA ILE A 128 -11.55 -5.77 -8.00
C ILE A 128 -12.33 -5.37 -6.74
N ALA A 129 -13.61 -5.73 -6.70
CA ALA A 129 -14.45 -5.39 -5.55
C ALA A 129 -13.87 -5.98 -4.24
N THR A 130 -13.48 -7.25 -4.30
CA THR A 130 -12.93 -7.93 -3.13
C THR A 130 -11.66 -7.22 -2.63
N ILE A 131 -10.77 -6.91 -3.55
CA ILE A 131 -9.50 -6.25 -3.21
C ILE A 131 -9.77 -4.85 -2.67
N LEU A 132 -10.75 -4.16 -3.24
CA LEU A 132 -11.07 -2.81 -2.76
C LEU A 132 -11.75 -2.84 -1.41
N ARG A 133 -12.58 -3.85 -1.18
CA ARG A 133 -13.23 -3.97 0.11
C ARG A 133 -12.18 -4.17 1.20
N GLU A 134 -11.18 -5.00 0.92
CA GLU A 134 -10.16 -5.30 1.91
C GLU A 134 -9.23 -4.10 2.18
N ILE A 135 -8.96 -3.32 1.12
CA ILE A 135 -8.23 -2.07 1.27
C ILE A 135 -9.03 -1.07 2.11
N LEU A 136 -10.33 -1.03 1.87
CA LEU A 136 -11.18 -0.15 2.67
C LEU A 136 -11.16 -0.55 4.16
N LYS A 137 -11.07 -1.86 4.45
CA LYS A 137 -10.98 -2.31 5.84
C LYS A 137 -9.69 -1.81 6.45
N GLY A 138 -8.60 -1.90 5.70
CA GLY A 138 -7.34 -1.33 6.13
C GLY A 138 -7.40 0.18 6.31
N LEU A 139 -7.98 0.89 5.35
CA LEU A 139 -8.07 2.35 5.46
C LEU A 139 -8.91 2.78 6.65
N ASP A 140 -10.03 2.09 6.87
CA ASP A 140 -10.86 2.35 8.04
C ASP A 140 -10.09 2.15 9.34
N TYR A 141 -9.34 1.06 9.46
CA TYR A 141 -8.52 0.85 10.63
C TYR A 141 -7.56 2.02 10.83
N LEU A 142 -6.78 2.34 9.79
CA LEU A 142 -5.76 3.38 9.87
C LEU A 142 -6.34 4.73 10.24
N HIS A 143 -7.39 5.12 9.51
CA HIS A 143 -8.03 6.42 9.68
C HIS A 143 -8.68 6.53 11.05
N SER A 144 -9.21 5.43 11.57
CA SER A 144 -9.74 5.41 12.93
C SER A 144 -8.62 5.66 13.96
N GLU A 145 -7.38 5.33 13.60
CA GLU A 145 -6.22 5.55 14.45
C GLU A 145 -5.56 6.89 14.16
N LYS A 146 -6.25 7.73 13.40
CA LYS A 146 -5.78 9.06 13.01
C LYS A 146 -4.49 8.97 12.16
N LYS A 147 -4.24 7.82 11.56
CA LYS A 147 -3.10 7.64 10.68
C LYS A 147 -3.54 7.77 9.22
N ILE A 148 -2.64 8.26 8.37
CA ILE A 148 -2.90 8.39 6.95
C ILE A 148 -1.81 7.66 6.19
N HIS A 149 -2.20 6.83 5.22
CA HIS A 149 -1.19 6.01 4.55
C HIS A 149 -0.35 6.87 3.60
N ARG A 150 -1.03 7.58 2.70
CA ARG A 150 -0.45 8.56 1.78
C ARG A 150 0.34 7.98 0.63
N ASP A 151 0.45 6.65 0.56
CA ASP A 151 1.04 6.04 -0.62
C ASP A 151 0.21 4.82 -1.06
N ILE A 152 -1.11 4.95 -1.02
CA ILE A 152 -1.97 3.88 -1.49
C ILE A 152 -1.86 3.77 -3.03
N LYS A 153 -1.53 2.56 -3.49
CA LYS A 153 -1.45 2.20 -4.90
C LYS A 153 -1.37 0.67 -4.95
N ALA A 154 -1.53 0.06 -6.13
CA ALA A 154 -1.60 -1.39 -6.21
C ALA A 154 -0.32 -2.08 -5.70
N ALA A 155 0.83 -1.44 -5.91
CA ALA A 155 2.11 -2.04 -5.57
C ALA A 155 2.25 -2.17 -4.05
N ASN A 156 1.53 -1.32 -3.33
CA ASN A 156 1.55 -1.31 -1.87
C ASN A 156 0.40 -2.08 -1.24
N VAL A 157 -0.31 -2.86 -2.06
CA VAL A 157 -1.35 -3.75 -1.59
C VAL A 157 -0.90 -5.20 -1.75
N LEU A 158 -0.69 -5.91 -0.65
CA LEU A 158 -0.09 -7.24 -0.72
C LEU A 158 -1.08 -8.33 -0.37
N LEU A 159 -0.85 -9.52 -0.91
CA LEU A 159 -1.69 -10.66 -0.60
C LEU A 159 -0.89 -11.82 -0.03
N SER A 160 -1.46 -12.44 1.00
CA SER A 160 -0.99 -13.71 1.51
C SER A 160 -1.30 -14.81 0.49
N GLU A 161 -0.59 -15.94 0.62
CA GLU A 161 -0.85 -17.13 -0.18
C GLU A 161 -2.28 -17.66 0.01
N HIS A 162 -3.00 -17.18 1.03
CA HIS A 162 -4.41 -17.53 1.23
C HIS A 162 -5.36 -16.51 0.59
N GLY A 163 -4.80 -15.42 0.06
CA GLY A 163 -5.62 -14.37 -0.52
C GLY A 163 -6.04 -13.27 0.43
N GLU A 164 -5.43 -13.19 1.61
CA GLU A 164 -5.69 -12.07 2.52
C GLU A 164 -5.05 -10.83 1.94
N VAL A 165 -5.72 -9.68 2.06
CA VAL A 165 -5.23 -8.43 1.47
C VAL A 165 -4.71 -7.45 2.53
N LYS A 166 -3.47 -7.00 2.40
CA LYS A 166 -2.90 -6.10 3.40
C LYS A 166 -2.19 -4.88 2.82
N LEU A 167 -2.19 -3.80 3.59
CA LEU A 167 -1.55 -2.57 3.22
C LEU A 167 -0.08 -2.59 3.65
N ALA A 168 0.79 -2.11 2.76
CA ALA A 168 2.22 -2.13 3.04
C ALA A 168 2.87 -0.80 2.73
N ASP A 169 4.11 -0.69 3.17
CA ASP A 169 5.00 0.43 2.89
C ASP A 169 4.47 1.72 3.49
N PHE A 170 4.77 1.91 4.76
CA PHE A 170 4.32 3.10 5.46
C PHE A 170 5.41 4.16 5.47
N GLY A 171 6.25 4.10 4.45
CA GLY A 171 7.36 5.01 4.28
C GLY A 171 7.01 6.47 4.45
N VAL A 172 5.82 6.86 3.99
CA VAL A 172 5.43 8.26 4.10
C VAL A 172 4.14 8.44 4.87
N ALA A 173 3.82 7.46 5.72
CA ALA A 173 2.59 7.51 6.50
C ALA A 173 2.55 8.68 7.47
N GLY A 174 1.37 9.30 7.59
CA GLY A 174 1.21 10.45 8.48
C GLY A 174 0.41 10.18 9.73
N GLN A 175 0.62 11.00 10.75
CA GLN A 175 -0.14 10.82 11.98
C GLN A 175 -0.84 12.12 12.37
N LEU A 176 -2.09 12.00 12.75
CA LEU A 176 -2.86 13.13 13.21
C LEU A 176 -2.97 13.06 14.72
N THR A 177 -3.17 14.22 15.34
CA THR A 177 -3.31 14.32 16.80
C THR A 177 -4.34 15.38 17.18
N ASP A 178 -4.35 15.74 18.46
CA ASP A 178 -5.16 16.84 18.96
C ASP A 178 -4.62 18.16 18.41
N THR A 179 -3.30 18.31 18.47
CA THR A 179 -2.59 19.46 17.91
C THR A 179 -2.75 19.53 16.40
N GLN A 180 -2.30 18.49 15.71
CA GLN A 180 -2.33 18.48 14.26
C GLN A 180 -3.47 17.64 13.74
N ILE A 181 -4.59 18.31 13.45
CA ILE A 181 -5.78 17.65 12.91
C ILE A 181 -5.66 17.53 11.40
N LYS A 182 -4.54 18.04 10.88
CA LYS A 182 -4.39 18.21 9.45
C LYS A 182 -2.90 18.22 9.07
N ARG A 183 -2.58 17.81 7.85
CA ARG A 183 -1.18 17.80 7.42
C ARG A 183 -1.05 18.54 6.09
N ASN A 184 0.18 18.87 5.73
CA ASN A 184 0.47 19.72 4.59
C ASN A 184 1.61 19.20 3.72
N TPO A 185 2.28 18.15 4.20
CA TPO A 185 3.51 17.67 3.57
CB TPO A 185 4.24 16.69 4.50
CG2 TPO A 185 5.52 16.17 3.84
OG1 TPO A 185 4.54 17.34 5.73
P TPO A 185 4.13 16.35 6.94
O1P TPO A 185 2.58 15.93 6.83
O2P TPO A 185 5.00 15.15 6.90
O3P TPO A 185 4.30 17.13 8.36
C TPO A 185 3.30 17.05 2.19
O TPO A 185 2.40 16.23 1.98
N PHE A 186 4.18 17.42 1.26
CA PHE A 186 4.17 16.87 -0.09
C PHE A 186 4.77 15.46 -0.18
N VAL A 187 3.92 14.43 -0.04
CA VAL A 187 4.38 13.04 -0.11
C VAL A 187 3.44 12.15 -0.92
N GLY A 188 3.96 11.02 -1.39
CA GLY A 188 3.19 10.05 -2.13
C GLY A 188 3.84 9.66 -3.44
N THR A 189 3.10 9.01 -4.33
CA THR A 189 3.55 8.76 -5.68
C THR A 189 2.67 9.60 -6.63
N PRO A 190 3.28 10.55 -7.35
CA PRO A 190 2.60 11.57 -8.17
C PRO A 190 1.24 11.14 -8.78
N PHE A 191 1.20 10.06 -9.56
CA PHE A 191 -0.03 9.66 -10.27
C PHE A 191 -1.19 9.41 -9.32
N TRP A 192 -0.85 8.97 -8.11
CA TRP A 192 -1.86 8.60 -7.13
C TRP A 192 -2.14 9.70 -6.10
N MET A 193 -1.43 10.82 -6.18
CA MET A 193 -1.55 11.87 -5.17
C MET A 193 -2.80 12.73 -5.36
N ALA A 194 -3.44 13.08 -4.26
CA ALA A 194 -4.62 13.93 -4.29
C ALA A 194 -4.23 15.37 -4.62
N PRO A 195 -5.13 16.11 -5.31
CA PRO A 195 -4.80 17.49 -5.69
C PRO A 195 -4.42 18.35 -4.50
N GLU A 196 -5.11 18.19 -3.37
CA GLU A 196 -4.80 18.99 -2.21
C GLU A 196 -3.46 18.62 -1.57
N VAL A 197 -2.96 17.42 -1.85
CA VAL A 197 -1.64 17.05 -1.32
C VAL A 197 -0.55 17.64 -2.23
N ILE A 198 -0.82 17.65 -3.52
CA ILE A 198 0.07 18.25 -4.50
C ILE A 198 0.16 19.78 -4.30
N LYS A 199 -0.95 20.39 -3.88
CA LYS A 199 -0.96 21.81 -3.61
C LYS A 199 -0.47 22.12 -2.22
N GLN A 200 -0.23 21.09 -1.41
CA GLN A 200 0.15 21.25 -0.01
C GLN A 200 -0.84 22.13 0.75
N SER A 201 -2.11 22.01 0.41
CA SER A 201 -3.15 22.55 1.25
C SER A 201 -3.29 21.64 2.46
N ALA A 202 -3.91 22.15 3.51
CA ALA A 202 -4.25 21.34 4.67
C ALA A 202 -5.11 20.15 4.22
N TYR A 203 -4.70 18.93 4.59
CA TYR A 203 -5.43 17.72 4.17
C TYR A 203 -5.46 16.68 5.29
N ASP A 204 -6.37 15.71 5.18
CA ASP A 204 -6.43 14.60 6.12
C ASP A 204 -6.58 13.25 5.42
N SER A 205 -7.32 12.35 6.05
CA SER A 205 -7.52 10.99 5.54
C SER A 205 -8.24 10.92 4.20
N LYS A 206 -8.87 12.01 3.78
CA LYS A 206 -9.59 12.02 2.51
C LYS A 206 -8.61 11.89 1.35
N ALA A 207 -7.37 12.26 1.61
CA ALA A 207 -6.30 12.12 0.63
C ALA A 207 -6.13 10.66 0.21
N ASP A 208 -6.23 9.76 1.18
CA ASP A 208 -6.15 8.31 0.93
C ASP A 208 -7.31 7.84 0.06
N ILE A 209 -8.47 8.49 0.22
CA ILE A 209 -9.68 8.11 -0.50
C ILE A 209 -9.54 8.49 -1.95
N TRP A 210 -8.85 9.60 -2.22
CA TRP A 210 -8.52 9.96 -3.60
C TRP A 210 -7.55 8.91 -4.18
N SER A 211 -6.51 8.59 -3.42
CA SER A 211 -5.59 7.54 -3.83
C SER A 211 -6.31 6.21 -4.08
N LEU A 212 -7.24 5.83 -3.21
CA LEU A 212 -8.01 4.61 -3.42
C LEU A 212 -8.72 4.66 -4.78
N GLY A 213 -9.32 5.80 -5.11
CA GLY A 213 -9.95 5.97 -6.41
C GLY A 213 -9.02 5.73 -7.59
N ILE A 214 -7.83 6.33 -7.55
CA ILE A 214 -6.83 6.09 -8.59
C ILE A 214 -6.47 4.60 -8.63
N THR A 215 -6.34 3.99 -7.45
CA THR A 215 -6.01 2.58 -7.36
C THR A 215 -7.13 1.70 -7.95
N ALA A 216 -8.38 2.11 -7.77
CA ALA A 216 -9.50 1.40 -8.37
C ALA A 216 -9.38 1.40 -9.89
N ILE A 217 -9.01 2.54 -10.47
CA ILE A 217 -8.79 2.60 -11.93
C ILE A 217 -7.60 1.73 -12.33
N GLU A 218 -6.55 1.79 -11.51
CA GLU A 218 -5.35 0.97 -11.70
C GLU A 218 -5.71 -0.52 -11.68
N LEU A 219 -6.52 -0.91 -10.71
CA LEU A 219 -6.96 -2.30 -10.62
C LEU A 219 -7.83 -2.70 -11.81
N ALA A 220 -8.61 -1.76 -12.34
CA ALA A 220 -9.54 -2.07 -13.43
C ALA A 220 -8.82 -2.07 -14.77
N ARG A 221 -7.92 -1.12 -14.97
CA ARG A 221 -7.28 -0.92 -16.27
C ARG A 221 -5.79 -1.29 -16.32
N GLY A 222 -5.18 -1.62 -15.19
CA GLY A 222 -3.76 -1.94 -15.19
C GLY A 222 -2.77 -0.81 -14.92
N GLU A 223 -3.20 0.44 -15.07
CA GLU A 223 -2.35 1.63 -14.87
C GLU A 223 -3.16 2.79 -14.30
N PRO A 224 -2.52 3.69 -13.58
CA PRO A 224 -3.27 4.90 -13.18
C PRO A 224 -3.46 5.86 -14.37
N PRO A 225 -4.42 6.79 -14.25
CA PRO A 225 -4.52 7.85 -15.25
C PRO A 225 -3.18 8.57 -15.44
N HIS A 226 -2.92 9.07 -16.65
CA HIS A 226 -1.72 9.85 -16.96
C HIS A 226 -0.46 9.04 -16.91
N SER A 227 -0.55 7.71 -16.96
CA SER A 227 0.62 6.86 -16.77
C SER A 227 1.64 7.00 -17.91
N GLU A 228 1.20 7.52 -19.06
CA GLU A 228 2.11 7.72 -20.18
C GLU A 228 3.02 8.92 -19.96
N LEU A 229 2.48 9.95 -19.32
CA LEU A 229 3.20 11.21 -19.16
C LEU A 229 4.29 11.17 -18.11
N HIS A 230 5.15 12.18 -18.17
CA HIS A 230 6.18 12.36 -17.20
C HIS A 230 5.53 12.84 -15.89
N PRO A 231 5.94 12.26 -14.75
CA PRO A 231 5.42 12.59 -13.42
C PRO A 231 5.38 14.08 -13.11
N MET A 232 6.24 14.88 -13.73
CA MET A 232 6.22 16.28 -13.39
C MET A 232 4.99 16.97 -14.00
N LYS A 233 4.48 16.45 -15.11
CA LYS A 233 3.29 17.03 -15.73
C LYS A 233 2.07 16.95 -14.81
N VAL A 234 1.99 15.88 -14.02
CA VAL A 234 0.81 15.68 -13.19
C VAL A 234 0.76 16.67 -12.03
N LEU A 235 1.89 17.32 -11.75
CA LEU A 235 1.94 18.39 -10.75
C LEU A 235 1.04 19.59 -11.04
N PHE A 236 0.71 19.80 -12.31
CA PHE A 236 -0.28 20.83 -12.65
C PHE A 236 -1.52 20.17 -13.25
N LEU A 237 -1.35 19.05 -13.94
CA LEU A 237 -2.48 18.34 -14.53
C LEU A 237 -3.52 17.99 -13.47
N ILE A 238 -3.08 17.44 -12.35
CA ILE A 238 -4.02 16.99 -11.34
C ILE A 238 -4.73 18.16 -10.65
N PRO A 239 -3.99 19.20 -10.20
CA PRO A 239 -4.74 20.31 -9.60
C PRO A 239 -5.62 21.13 -10.56
N LYS A 240 -5.26 21.24 -11.83
CA LYS A 240 -6.08 22.09 -12.67
C LYS A 240 -7.09 21.32 -13.54
N ASN A 241 -6.94 20.01 -13.70
CA ASN A 241 -7.90 19.27 -14.53
C ASN A 241 -9.09 18.76 -13.73
N ASN A 242 -10.17 18.44 -14.45
CA ASN A 242 -11.23 17.67 -13.83
C ASN A 242 -10.65 16.33 -13.42
N PRO A 243 -11.19 15.74 -12.36
CA PRO A 243 -10.67 14.44 -11.93
C PRO A 243 -10.83 13.37 -13.00
N PRO A 244 -10.02 12.31 -12.94
CA PRO A 244 -10.15 11.21 -13.89
C PRO A 244 -11.45 10.46 -13.68
N THR A 245 -11.94 9.81 -14.73
CA THR A 245 -13.07 8.92 -14.59
C THR A 245 -12.64 7.60 -15.18
N LEU A 246 -13.32 6.51 -14.79
CA LEU A 246 -13.00 5.19 -15.34
C LEU A 246 -13.66 5.02 -16.70
N GLU A 247 -12.85 5.05 -17.74
CA GLU A 247 -13.32 4.94 -19.11
C GLU A 247 -13.13 3.50 -19.60
N GLY A 248 -14.17 2.99 -20.25
CA GLY A 248 -14.16 1.65 -20.81
C GLY A 248 -15.41 0.88 -20.46
N ASN A 249 -15.51 -0.36 -20.93
CA ASN A 249 -16.66 -1.19 -20.61
C ASN A 249 -16.60 -1.82 -19.20
N TYR A 250 -16.86 -1.01 -18.17
CA TYR A 250 -16.93 -1.48 -16.79
C TYR A 250 -18.31 -1.12 -16.24
N SER A 251 -18.71 -1.79 -15.16
CA SER A 251 -20.06 -1.64 -14.65
C SER A 251 -20.30 -0.21 -14.17
N LYS A 252 -21.57 0.19 -14.18
CA LYS A 252 -21.91 1.51 -13.67
C LYS A 252 -21.57 1.66 -12.17
N PRO A 253 -21.92 0.65 -11.34
CA PRO A 253 -21.46 0.79 -9.95
C PRO A 253 -19.91 0.94 -9.79
N LEU A 254 -19.09 0.28 -10.60
CA LEU A 254 -17.64 0.50 -10.55
C LEU A 254 -17.27 1.94 -10.95
N LYS A 255 -17.82 2.42 -12.07
CA LYS A 255 -17.58 3.80 -12.45
C LYS A 255 -18.00 4.80 -11.37
N GLU A 256 -19.12 4.59 -10.70
CA GLU A 256 -19.53 5.56 -9.68
C GLU A 256 -18.70 5.44 -8.39
N PHE A 257 -18.23 4.23 -8.06
CA PHE A 257 -17.30 4.06 -6.94
C PHE A 257 -16.07 4.96 -7.18
N VAL A 258 -15.48 4.82 -8.37
CA VAL A 258 -14.36 5.65 -8.78
C VAL A 258 -14.64 7.14 -8.66
N GLU A 259 -15.75 7.62 -9.23
CA GLU A 259 -16.10 9.04 -9.16
C GLU A 259 -16.34 9.51 -7.74
N ALA A 260 -16.91 8.64 -6.91
CA ALA A 260 -17.16 9.00 -5.51
C ALA A 260 -15.84 9.30 -4.79
N CYS A 261 -14.81 8.53 -5.11
CA CYS A 261 -13.46 8.78 -4.60
C CYS A 261 -12.82 10.00 -5.23
N LEU A 262 -12.93 10.09 -6.55
CA LEU A 262 -12.22 11.10 -7.30
C LEU A 262 -13.02 12.42 -7.47
N ASN A 263 -13.31 13.07 -6.35
CA ASN A 263 -13.86 14.43 -6.35
C ASN A 263 -12.77 15.41 -5.90
N LYS A 264 -12.64 16.54 -6.59
CA LYS A 264 -11.61 17.54 -6.24
C LYS A 264 -11.86 18.10 -4.86
N GLU A 265 -13.12 18.07 -4.42
CA GLU A 265 -13.48 18.56 -3.08
C GLU A 265 -13.48 17.40 -2.06
N PRO A 266 -12.50 17.40 -1.14
CA PRO A 266 -12.24 16.32 -0.18
C PRO A 266 -13.43 16.04 0.72
N SER A 267 -14.21 17.06 1.08
CA SER A 267 -15.38 16.82 1.92
C SER A 267 -16.50 16.11 1.11
N PHE A 268 -16.37 16.07 -0.21
CA PHE A 268 -17.34 15.35 -1.03
C PHE A 268 -16.96 13.86 -1.18
N ARG A 269 -15.76 13.49 -0.77
CA ARG A 269 -15.38 12.08 -0.85
C ARG A 269 -15.92 11.35 0.38
N PRO A 270 -16.49 10.16 0.19
CA PRO A 270 -16.89 9.33 1.32
C PRO A 270 -15.72 8.90 2.20
N THR A 271 -16.07 8.49 3.42
CA THR A 271 -15.14 7.80 4.31
C THR A 271 -14.93 6.37 3.86
N ALA A 272 -13.85 5.76 4.33
CA ALA A 272 -13.62 4.35 4.10
C ALA A 272 -14.81 3.51 4.59
N LYS A 273 -15.33 3.87 5.76
CA LYS A 273 -16.45 3.16 6.37
C LYS A 273 -17.72 3.25 5.50
N GLU A 274 -17.92 4.39 4.87
CA GLU A 274 -19.07 4.54 3.99
C GLU A 274 -18.90 3.72 2.71
N LEU A 275 -17.70 3.72 2.11
CA LEU A 275 -17.45 3.02 0.86
C LEU A 275 -17.58 1.51 0.98
N LEU A 276 -17.40 1.00 2.20
CA LEU A 276 -17.62 -0.43 2.46
C LEU A 276 -19.08 -0.86 2.21
N LYS A 277 -20.01 0.11 2.20
CA LYS A 277 -21.43 -0.14 1.95
C LYS A 277 -21.85 0.24 0.53
N HIS A 278 -20.87 0.70 -0.25
CA HIS A 278 -21.14 1.11 -1.63
C HIS A 278 -21.64 -0.09 -2.42
N LYS A 279 -22.57 0.16 -3.33
CA LYS A 279 -23.22 -0.92 -4.06
C LYS A 279 -22.22 -1.74 -4.90
N PHE A 280 -21.16 -1.12 -5.40
CA PHE A 280 -20.20 -1.88 -6.20
C PHE A 280 -19.59 -2.96 -5.32
N ILE A 281 -19.21 -2.57 -4.11
CA ILE A 281 -18.63 -3.51 -3.16
C ILE A 281 -19.61 -4.61 -2.79
N LEU A 282 -20.80 -4.23 -2.30
CA LEU A 282 -21.81 -5.19 -1.84
C LEU A 282 -22.24 -6.16 -2.93
N ARG A 283 -22.47 -5.66 -4.13
CA ARG A 283 -22.98 -6.50 -5.20
C ARG A 283 -21.92 -7.42 -5.78
N ASN A 284 -20.65 -7.00 -5.73
CA ASN A 284 -19.62 -7.73 -6.47
C ASN A 284 -18.57 -8.44 -5.62
N ALA A 285 -18.28 -7.93 -4.41
CA ALA A 285 -17.20 -8.51 -3.59
C ALA A 285 -17.58 -9.89 -3.04
N LYS A 286 -16.60 -10.80 -3.02
CA LYS A 286 -16.85 -12.13 -2.47
C LYS A 286 -15.74 -12.47 -1.47
N LYS A 287 -15.69 -13.70 -0.99
CA LYS A 287 -14.77 -13.98 0.09
C LYS A 287 -13.34 -14.03 -0.44
N THR A 288 -12.41 -13.50 0.38
CA THR A 288 -11.03 -13.32 -0.04
C THR A 288 -10.31 -14.61 -0.41
N SER A 289 -10.84 -15.74 0.07
CA SER A 289 -10.24 -17.04 -0.26
C SER A 289 -10.19 -17.25 -1.77
N TYR A 290 -11.20 -16.75 -2.47
CA TYR A 290 -11.28 -16.83 -3.92
C TYR A 290 -10.13 -16.14 -4.66
N LEU A 291 -9.42 -15.24 -3.97
CA LEU A 291 -8.30 -14.52 -4.61
C LEU A 291 -7.10 -15.44 -4.84
N THR A 292 -7.16 -16.63 -4.27
CA THR A 292 -6.13 -17.63 -4.49
C THR A 292 -6.07 -17.99 -5.97
N GLU A 293 -7.18 -17.84 -6.66
CA GLU A 293 -7.23 -18.19 -8.07
C GLU A 293 -6.33 -17.22 -8.82
N LEU A 294 -6.27 -16.01 -8.31
CA LEU A 294 -5.47 -14.96 -8.90
C LEU A 294 -3.97 -15.19 -8.67
N ILE A 295 -3.63 -15.74 -7.50
CA ILE A 295 -2.25 -16.13 -7.19
C ILE A 295 -1.83 -17.37 -7.98
N ASP A 296 -2.71 -18.36 -8.08
CA ASP A 296 -2.44 -19.54 -8.92
C ASP A 296 -2.22 -19.15 -10.37
N ARG A 297 -2.94 -18.12 -10.82
CA ARG A 297 -2.81 -17.67 -12.19
C ARG A 297 -1.45 -17.05 -12.41
N TYR A 298 -1.02 -16.26 -11.43
CA TYR A 298 0.31 -15.65 -11.49
C TYR A 298 1.39 -16.72 -11.54
N LYS A 299 1.20 -17.79 -10.77
CA LYS A 299 2.19 -18.87 -10.74
C LYS A 299 2.35 -19.43 -12.14
N ARG A 300 1.24 -19.97 -12.66
CA ARG A 300 1.22 -20.57 -13.98
C ARG A 300 1.84 -19.64 -15.01
N TRP A 301 1.45 -18.38 -14.96
CA TRP A 301 2.01 -17.37 -15.86
C TRP A 301 3.51 -17.22 -15.73
N LYS A 302 4.00 -17.18 -14.49
CA LYS A 302 5.42 -16.95 -14.26
C LYS A 302 6.26 -18.20 -14.55
N ALA A 303 5.60 -19.36 -14.58
CA ALA A 303 6.24 -20.60 -14.99
C ALA A 303 6.86 -20.44 -16.38
N GLU A 304 6.00 -20.33 -17.40
CA GLU A 304 6.45 -19.84 -18.70
C GLU A 304 7.22 -18.55 -18.47
N GLN A 305 8.18 -18.23 -19.35
CA GLN A 305 9.23 -17.22 -19.13
C GLN A 305 9.92 -17.46 -17.79
C01 34W B . 12.35 -15.79 -6.89
C02 34W B . 10.93 -15.52 -6.61
O03 34W B . 10.05 -16.00 -7.38
N04 34W B . 10.59 -14.74 -5.54
C05 34W B . 9.25 -14.43 -5.18
C06 34W B . 8.76 -13.16 -5.80
O07 34W B . 9.57 -12.49 -6.50
N08 34W B . 7.48 -12.68 -5.62
C09 34W B . 6.89 -11.47 -6.13
C10 34W B . 5.52 -11.97 -6.73
C11 34W B . 5.21 -13.22 -5.86
C12 34W B . 6.40 -13.22 -4.85
C13 34W B . 6.38 -12.02 -3.98
C14 34W B . 6.69 -10.92 -4.79
C15 34W B . 6.74 -9.62 -4.26
C16 34W B . 6.49 -9.47 -2.88
C17 34W B . 6.20 -10.57 -2.05
C18 34W B . 6.13 -11.86 -2.61
N19 34W B . 5.94 -10.39 -0.72
C20 34W B . 6.17 -9.38 0.14
N21 34W B . 5.84 -9.51 1.45
C22 34W B . 6.03 -8.53 2.35
C23 34W B . 6.60 -7.31 1.97
C24 34W B . 6.94 -7.18 0.60
N25 34W B . 6.71 -8.21 -0.26
N26 34W B . 7.51 -6.03 0.13
C27 34W B . 8.10 -5.90 -1.17
C28 34W B . 8.84 -4.56 -1.35
C29 34W B . 8.22 -4.48 -2.76
C30 34W B . 7.11 -5.41 -2.24
C31 34W B . 6.78 -6.25 2.99
F32 34W B . 6.07 -5.11 2.72
F33 34W B . 8.10 -5.92 3.12
F34 34W B . 6.35 -6.68 4.22
C1 EDO C . -14.86 16.28 6.24
O1 EDO C . -16.18 16.61 5.79
C2 EDO C . -14.10 15.49 5.19
O2 EDO C . -13.36 16.35 4.31
C1 EDO D . -8.07 -4.01 -19.51
O1 EDO D . -6.73 -3.96 -19.01
C2 EDO D . -9.04 -4.43 -18.40
O2 EDO D . -10.32 -4.88 -18.92
#